data_3CCF
#
_entry.id   3CCF
#
_cell.length_a   56.830
_cell.length_b   67.230
_cell.length_c   131.400
_cell.angle_alpha   90.000
_cell.angle_beta   90.000
_cell.angle_gamma   90.000
#
_symmetry.space_group_name_H-M   'P 21 21 21'
#
loop_
_entity.id
_entity.type
_entity.pdbx_description
1 polymer 'Cyclopropane-fatty-acyl-phospholipid synthase'
2 non-polymer 'BENZOIC ACID'
3 water water
#
_entity_poly.entity_id   1
_entity_poly.type   'polypeptide(L)'
_entity_poly.pdbx_seq_one_letter_code
;(MSE)GSDKIHHHHHHENLYFQG(MSE)TNLGTAKNFWDATLYQDKHSFVWQYGEDLLQLLNPQPGEFILDLGCGTGQLT
EKIAQSGAEVLGTDNAAT(MSE)IEKARQNYPHLHFDVADARNFRVDKPLDAVFSNA(MSE)LHWVKEPEAAIASIHQAL
KSGGRFVAEFGGKGNIKYILEALYNALETLGIHNPQALNPWYFPSIGEYVNILEKQGFDVTYAALFNRPTTLAEGEFG
(MSE)ANWIQ(MSE)FASAFLVGLTPDQQVQLIRKVEATLQDKLYHQESWTADYRRIRIVSIKAQ
;
_entity_poly.pdbx_strand_id   A,B
#
# COMPACT_ATOMS: atom_id res chain seq x y z
N PHE A 41 -7.71 -18.19 14.80
CA PHE A 41 -7.06 -19.22 15.70
C PHE A 41 -5.66 -19.53 15.16
N VAL A 42 -5.65 -19.73 13.87
CA VAL A 42 -4.41 -19.95 13.10
C VAL A 42 -3.77 -18.62 12.82
N TRP A 43 -4.66 -17.64 12.69
CA TRP A 43 -4.33 -16.24 12.30
C TRP A 43 -3.66 -15.45 13.42
N GLN A 44 -3.99 -15.79 14.66
CA GLN A 44 -3.42 -15.12 15.83
C GLN A 44 -1.89 -15.22 15.72
N TYR A 45 -1.46 -16.38 15.24
CA TYR A 45 -0.03 -16.72 15.08
C TYR A 45 0.40 -16.75 13.60
N GLY A 46 1.33 -15.86 13.29
CA GLY A 46 1.89 -15.75 11.95
C GLY A 46 3.18 -14.94 11.91
N GLU A 47 4.13 -15.52 11.21
CA GLU A 47 5.44 -14.94 11.01
C GLU A 47 5.54 -14.30 9.66
N ASP A 48 4.39 -14.01 9.08
CA ASP A 48 4.37 -13.37 7.73
C ASP A 48 4.91 -11.95 7.76
N LEU A 49 4.64 -11.22 8.85
CA LEU A 49 5.15 -9.85 8.98
C LEU A 49 6.69 -9.88 9.10
N LEU A 50 7.18 -10.86 9.84
CA LEU A 50 8.63 -11.06 9.95
C LEU A 50 9.25 -11.34 8.59
N GLN A 51 8.51 -12.07 7.74
CA GLN A 51 9.02 -12.37 6.37
C GLN A 51 9.08 -11.11 5.55
N LEU A 52 8.17 -10.21 5.85
CA LEU A 52 8.12 -8.93 5.12
C LEU A 52 9.34 -8.07 5.53
N LEU A 53 9.63 -8.05 6.82
CA LEU A 53 10.83 -7.35 7.32
C LEU A 53 12.09 -7.92 6.70
N ASN A 54 12.16 -9.24 6.64
CA ASN A 54 13.28 -9.96 6.06
C ASN A 54 14.62 -9.54 6.71
N PRO A 55 14.74 -9.73 8.04
CA PRO A 55 15.94 -9.35 8.75
C PRO A 55 17.15 -10.08 8.24
N GLN A 56 18.27 -9.36 8.17
CA GLN A 56 19.55 -9.93 7.67
C GLN A 56 20.67 -9.91 8.73
N PRO A 57 21.60 -10.87 8.64
CA PRO A 57 22.75 -10.86 9.55
C PRO A 57 23.48 -9.55 9.44
N GLY A 58 23.90 -8.99 10.55
CA GLY A 58 24.67 -7.74 10.44
C GLY A 58 23.86 -6.46 10.49
N GLU A 59 22.55 -6.61 10.43
CA GLU A 59 21.66 -5.47 10.53
C GLU A 59 21.36 -5.09 11.99
N PHE A 60 21.16 -3.80 12.23
CA PHE A 60 20.77 -3.30 13.53
CA PHE A 60 20.74 -3.33 13.54
C PHE A 60 19.30 -2.95 13.41
N ILE A 61 18.51 -3.66 14.20
CA ILE A 61 17.07 -3.56 14.15
C ILE A 61 16.41 -3.30 15.52
N LEU A 62 15.37 -2.49 15.48
CA LEU A 62 14.56 -2.21 16.65
C LEU A 62 13.20 -2.79 16.51
N ASP A 63 12.81 -3.54 17.53
CA ASP A 63 11.45 -4.08 17.67
C ASP A 63 10.75 -3.13 18.64
N LEU A 64 9.96 -2.25 18.05
CA LEU A 64 9.25 -1.16 18.75
C LEU A 64 7.88 -1.61 19.18
N GLY A 65 7.75 -1.80 20.49
CA GLY A 65 6.54 -2.35 21.08
C GLY A 65 6.71 -3.87 21.16
N CYS A 66 7.82 -4.27 21.73
CA CYS A 66 8.22 -5.68 21.76
C CYS A 66 7.42 -6.59 22.64
N GLY A 67 6.66 -6.00 23.55
CA GLY A 67 5.92 -6.81 24.52
C GLY A 67 6.83 -7.75 25.29
N THR A 68 6.48 -9.03 25.30
CA THR A 68 7.29 -10.05 26.04
C THR A 68 8.48 -10.58 25.26
N GLY A 69 8.70 -9.99 24.09
CA GLY A 69 9.89 -10.26 23.32
C GLY A 69 9.94 -11.42 22.36
N GLN A 70 8.81 -12.06 22.15
CA GLN A 70 8.79 -13.23 21.22
C GLN A 70 9.26 -12.93 19.81
N LEU A 71 8.81 -11.84 19.22
CA LEU A 71 9.20 -11.53 17.83
C LEU A 71 10.61 -11.02 17.82
N THR A 72 11.03 -10.47 18.96
CA THR A 72 12.39 -9.95 19.12
C THR A 72 13.34 -11.13 19.02
N GLU A 73 12.98 -12.26 19.63
CA GLU A 73 13.88 -13.45 19.55
C GLU A 73 13.95 -13.96 18.14
N LYS A 74 12.83 -13.83 17.43
CA LYS A 74 12.79 -14.33 16.06
C LYS A 74 13.66 -13.49 15.18
N ILE A 75 13.65 -12.18 15.43
CA ILE A 75 14.52 -11.30 14.63
C ILE A 75 15.97 -11.70 14.88
N ALA A 76 16.24 -11.98 16.15
CA ALA A 76 17.62 -12.24 16.54
C ALA A 76 18.16 -13.50 15.88
N GLN A 77 17.27 -14.45 15.64
CA GLN A 77 17.66 -15.75 15.09
C GLN A 77 18.18 -15.57 13.65
N SER A 78 17.83 -14.45 13.03
CA SER A 78 18.29 -14.18 11.65
C SER A 78 19.76 -13.86 11.61
N GLY A 79 20.28 -13.49 12.77
CA GLY A 79 21.65 -13.06 12.90
C GLY A 79 21.76 -11.55 13.04
N ALA A 80 20.65 -10.87 12.88
CA ALA A 80 20.63 -9.42 13.06
C ALA A 80 20.84 -9.04 14.53
N GLU A 81 21.40 -7.86 14.76
CA GLU A 81 21.52 -7.33 16.12
C GLU A 81 20.22 -6.61 16.48
N VAL A 82 19.55 -7.06 17.51
CA VAL A 82 18.26 -6.47 17.81
C VAL A 82 18.17 -5.83 19.20
N LEU A 83 17.25 -4.91 19.29
CA LEU A 83 16.89 -4.25 20.54
C LEU A 83 15.44 -4.19 20.59
N GLY A 84 14.88 -4.68 21.68
CA GLY A 84 13.48 -4.59 21.87
C GLY A 84 13.11 -3.50 22.86
N THR A 85 12.05 -2.73 22.54
CA THR A 85 11.58 -1.70 23.50
C THR A 85 10.05 -1.72 23.65
N ASP A 86 9.63 -1.42 24.87
CA ASP A 86 8.20 -1.32 25.21
C ASP A 86 8.06 -0.19 26.24
N ASN A 87 6.89 0.43 26.29
CA ASN A 87 6.70 1.57 27.19
C ASN A 87 6.41 1.14 28.59
N ALA A 88 6.01 -0.12 28.71
CA ALA A 88 5.66 -0.76 30.01
C ALA A 88 6.83 -1.51 30.64
N ALA A 89 7.29 -1.08 31.80
CA ALA A 89 8.45 -1.73 32.48
C ALA A 89 8.18 -3.18 32.85
N THR A 90 6.94 -3.49 33.10
CA THR A 90 6.63 -4.86 33.50
C THR A 90 6.89 -5.79 32.34
N ILE A 92 8.98 -5.32 29.92
CA ILE A 92 10.42 -5.39 29.66
C ILE A 92 11.04 -6.30 30.69
N GLU A 93 10.49 -6.29 31.87
CA GLU A 93 11.04 -7.17 32.89
CA GLU A 93 10.90 -7.17 32.96
C GLU A 93 10.77 -8.60 32.48
N LYS A 94 9.58 -8.88 31.99
CA LYS A 94 9.26 -10.26 31.56
C LYS A 94 10.13 -10.71 30.40
N ALA A 95 10.32 -9.80 29.46
CA ALA A 95 11.13 -10.05 28.25
C ALA A 95 12.55 -10.44 28.61
N ARG A 96 13.08 -9.77 29.60
CA ARG A 96 14.44 -10.00 30.04
C ARG A 96 14.56 -11.37 30.66
N GLN A 97 13.46 -11.81 31.25
CA GLN A 97 13.38 -13.11 31.91
C GLN A 97 13.32 -14.16 30.85
N ASN A 98 12.51 -13.89 29.85
CA ASN A 98 12.30 -14.82 28.73
C ASN A 98 13.53 -15.04 27.87
N TYR A 99 14.25 -13.95 27.63
CA TYR A 99 15.41 -13.95 26.74
C TYR A 99 16.57 -13.23 27.31
N PRO A 100 17.29 -13.87 28.21
CA PRO A 100 18.41 -13.29 28.91
C PRO A 100 19.53 -12.88 28.05
N HIS A 101 19.58 -13.37 26.82
CA HIS A 101 20.74 -13.06 25.97
C HIS A 101 20.46 -11.96 25.02
N LEU A 102 19.20 -11.50 25.03
CA LEU A 102 18.80 -10.35 24.18
C LEU A 102 18.78 -9.03 24.95
N HIS A 103 18.55 -7.96 24.23
CA HIS A 103 18.62 -6.64 24.80
C HIS A 103 17.30 -5.96 24.71
N PHE A 104 16.84 -5.49 25.85
CA PHE A 104 15.57 -4.81 25.97
C PHE A 104 15.67 -3.53 26.80
N ASP A 105 14.73 -2.64 26.55
CA ASP A 105 14.62 -1.36 27.26
C ASP A 105 13.24 -0.81 27.26
N VAL A 106 13.01 0.06 28.24
CA VAL A 106 11.77 0.78 28.32
C VAL A 106 11.93 2.04 27.46
N ALA A 107 10.92 2.30 26.65
CA ALA A 107 10.92 3.48 25.84
C ALA A 107 9.53 3.80 25.33
N ASP A 108 9.33 5.09 25.10
CA ASP A 108 8.10 5.63 24.56
C ASP A 108 8.27 5.85 23.05
N ALA A 109 7.37 5.20 22.30
CA ALA A 109 7.33 5.23 20.83
C ALA A 109 7.27 6.65 20.28
N ARG A 110 6.73 7.54 21.08
CA ARG A 110 6.54 8.94 20.63
C ARG A 110 7.79 9.77 20.65
N ASN A 111 8.75 9.39 21.49
CA ASN A 111 9.88 10.27 21.63
C ASN A 111 11.20 9.53 21.82
N PHE A 112 11.21 8.25 21.55
CA PHE A 112 12.46 7.50 21.69
C PHE A 112 13.58 7.98 20.82
N ARG A 113 14.74 7.61 21.31
CA ARG A 113 16.00 7.87 20.65
C ARG A 113 16.93 6.69 20.80
N VAL A 114 17.73 6.48 19.79
CA VAL A 114 18.69 5.36 19.78
C VAL A 114 20.12 5.87 19.56
N ASP A 115 21.04 5.14 20.15
CA ASP A 115 22.48 5.51 20.16
C ASP A 115 23.20 5.38 18.84
N LYS A 116 22.75 4.45 18.01
CA LYS A 116 23.33 4.23 16.67
C LYS A 116 22.21 4.03 15.67
N PRO A 117 22.39 4.51 14.43
CA PRO A 117 21.33 4.41 13.42
C PRO A 117 21.00 2.99 13.11
N LEU A 118 19.72 2.80 12.84
CA LEU A 118 19.14 1.50 12.56
C LEU A 118 18.97 1.21 11.10
N ASP A 119 19.05 -0.08 10.79
CA ASP A 119 18.76 -0.58 9.45
C ASP A 119 17.26 -0.73 9.30
N ALA A 120 16.61 -0.95 10.43
CA ALA A 120 15.18 -1.17 10.41
C ALA A 120 14.53 -0.97 11.72
N VAL A 121 13.29 -0.56 11.63
CA VAL A 121 12.37 -0.51 12.77
C VAL A 121 11.14 -1.38 12.40
N PHE A 122 10.86 -2.33 13.29
CA PHE A 122 9.78 -3.29 13.17
C PHE A 122 8.79 -3.05 14.31
N SER A 123 7.52 -3.08 13.98
CA SER A 123 6.49 -2.93 15.01
C SER A 123 5.23 -3.64 14.67
N ASN A 124 4.86 -4.54 15.55
CA ASN A 124 3.63 -5.32 15.43
C ASN A 124 2.65 -5.16 16.61
N ALA A 125 1.41 -4.82 16.27
CA ALA A 125 0.31 -4.81 17.21
C ALA A 125 0.40 -3.82 18.34
N LEU A 127 1.01 0.13 17.47
CA LEU A 127 0.89 1.54 17.09
C LEU A 127 -0.52 2.09 17.12
N HIS A 128 -1.50 1.22 17.26
CA HIS A 128 -2.86 1.71 17.33
C HIS A 128 -3.15 2.37 18.71
N TRP A 129 -2.24 2.19 19.65
CA TRP A 129 -2.35 2.79 20.98
C TRP A 129 -1.82 4.21 20.96
N VAL A 130 -1.11 4.56 19.91
CA VAL A 130 -0.49 5.89 19.82
C VAL A 130 -1.33 6.86 19.04
N LYS A 131 -2.03 7.70 19.77
CA LYS A 131 -2.90 8.72 19.19
C LYS A 131 -2.13 9.97 18.71
N GLU A 132 -0.80 9.95 18.87
CA GLU A 132 0.11 11.01 18.35
C GLU A 132 1.02 10.33 17.28
N PRO A 133 0.40 9.88 16.17
CA PRO A 133 1.11 9.05 15.22
C PRO A 133 2.29 9.76 14.58
N GLU A 134 2.16 11.07 14.41
CA GLU A 134 3.21 11.87 13.74
C GLU A 134 4.51 11.87 14.56
N ALA A 135 4.32 11.83 15.86
CA ALA A 135 5.43 11.86 16.83
C ALA A 135 6.23 10.58 16.79
N ALA A 136 5.51 9.47 16.72
CA ALA A 136 6.15 8.15 16.62
C ALA A 136 6.93 8.05 15.30
N ILE A 137 6.24 8.48 14.27
CA ILE A 137 6.79 8.53 12.90
C ILE A 137 8.00 9.42 12.80
N ALA A 138 7.94 10.56 13.46
CA ALA A 138 9.13 11.46 13.49
C ALA A 138 10.28 10.74 14.21
N SER A 139 10.00 10.05 15.29
CA SER A 139 11.09 9.38 16.02
C SER A 139 11.73 8.23 15.25
N ILE A 140 10.89 7.53 14.48
CA ILE A 140 11.34 6.39 13.69
C ILE A 140 12.21 6.85 12.55
N HIS A 141 11.78 7.92 11.90
CA HIS A 141 12.53 8.46 10.76
C HIS A 141 13.94 8.89 11.21
N GLN A 142 14.01 9.56 12.34
CA GLN A 142 15.32 10.08 12.82
C GLN A 142 16.22 8.95 13.29
N ALA A 143 15.62 7.87 13.78
CA ALA A 143 16.39 6.70 14.26
C ALA A 143 17.01 5.87 13.14
N LEU A 144 16.44 5.99 11.95
CA LEU A 144 16.89 5.18 10.81
C LEU A 144 18.01 5.79 10.00
N LYS A 145 18.86 4.92 9.48
CA LYS A 145 19.83 5.31 8.46
C LYS A 145 19.10 5.67 7.17
N SER A 146 19.76 6.39 6.29
CA SER A 146 19.16 6.61 4.99
C SER A 146 19.08 5.24 4.35
N GLY A 147 17.95 4.95 3.72
CA GLY A 147 17.74 3.64 3.09
C GLY A 147 17.17 2.62 4.07
N GLY A 148 17.12 3.03 5.34
CA GLY A 148 16.61 2.21 6.45
C GLY A 148 15.13 2.02 6.26
N ARG A 149 14.59 0.92 6.81
CA ARG A 149 13.18 0.61 6.61
C ARG A 149 12.36 0.50 7.86
N PHE A 150 11.10 0.87 7.72
CA PHE A 150 10.06 0.82 8.78
C PHE A 150 8.97 -0.13 8.31
N VAL A 151 8.79 -1.22 9.03
CA VAL A 151 7.87 -2.27 8.66
C VAL A 151 6.91 -2.41 9.84
N ALA A 152 5.63 -2.23 9.57
CA ALA A 152 4.68 -2.25 10.66
C ALA A 152 3.32 -2.82 10.31
N GLU A 153 2.71 -3.35 11.35
CA GLU A 153 1.34 -3.77 11.31
C GLU A 153 0.63 -3.36 12.59
N PHE A 154 -0.61 -2.90 12.46
CA PHE A 154 -1.42 -2.58 13.61
C PHE A 154 -2.84 -2.50 13.17
N GLY A 155 -3.71 -2.13 14.10
CA GLY A 155 -5.13 -2.01 13.84
C GLY A 155 -5.42 -0.93 12.84
N GLY A 156 -6.23 -1.27 11.84
CA GLY A 156 -6.58 -0.34 10.78
C GLY A 156 -8.03 0.02 10.71
N LYS A 157 -8.32 0.94 9.81
CA LYS A 157 -9.67 1.43 9.70
C LYS A 157 -10.62 0.29 9.64
N GLY A 158 -11.62 0.31 10.53
CA GLY A 158 -12.68 -0.70 10.48
C GLY A 158 -12.41 -1.86 11.43
N ASN A 159 -11.29 -1.79 12.14
CA ASN A 159 -10.89 -2.81 13.12
C ASN A 159 -11.94 -2.96 14.24
N ILE A 160 -12.19 -4.21 14.63
CA ILE A 160 -13.09 -4.58 15.73
C ILE A 160 -14.40 -3.82 15.75
N LYS A 161 -14.94 -3.66 14.56
CA LYS A 161 -16.23 -2.96 14.34
C LYS A 161 -17.35 -3.40 15.28
N TYR A 162 -17.55 -4.69 15.40
CA TYR A 162 -18.64 -5.21 16.19
C TYR A 162 -18.41 -5.13 17.67
N ILE A 163 -17.17 -5.40 18.07
CA ILE A 163 -16.83 -5.29 19.48
C ILE A 163 -17.06 -3.84 19.95
N LEU A 164 -16.62 -2.91 19.14
CA LEU A 164 -16.79 -1.51 19.49
C LEU A 164 -18.27 -1.11 19.56
N GLU A 165 -19.05 -1.60 18.62
CA GLU A 165 -20.48 -1.27 18.65
C GLU A 165 -21.12 -1.77 19.89
N ALA A 166 -20.74 -2.99 20.20
CA ALA A 166 -21.27 -3.65 21.39
C ALA A 166 -20.84 -2.91 22.64
N LEU A 167 -19.59 -2.44 22.68
CA LEU A 167 -19.11 -1.65 23.84
C LEU A 167 -19.88 -0.37 24.01
N TYR A 168 -20.07 0.35 22.92
CA TYR A 168 -20.74 1.63 23.01
C TYR A 168 -22.16 1.39 23.46
N ASN A 169 -22.80 0.38 22.91
CA ASN A 169 -24.20 0.14 23.24
C ASN A 169 -24.36 -0.18 24.72
N ALA A 170 -23.42 -0.95 25.23
CA ALA A 170 -23.52 -1.39 26.60
C ALA A 170 -23.37 -0.23 27.55
N LEU A 171 -22.45 0.68 27.23
CA LEU A 171 -22.27 1.90 28.08
C LEU A 171 -23.51 2.76 28.04
N GLU A 172 -23.97 2.97 26.82
CA GLU A 172 -25.21 3.72 26.57
C GLU A 172 -26.38 3.25 27.48
N THR A 173 -26.61 1.96 27.48
CA THR A 173 -27.72 1.39 28.22
C THR A 173 -27.48 1.42 29.75
N LEU A 174 -26.23 1.58 30.11
CA LEU A 174 -25.86 1.66 31.55
C LEU A 174 -26.00 3.11 32.04
N GLY A 175 -26.16 4.01 31.10
CA GLY A 175 -26.40 5.40 31.45
C GLY A 175 -25.21 6.29 31.15
N ILE A 176 -24.20 5.71 30.51
CA ILE A 176 -22.99 6.43 30.15
C ILE A 176 -23.08 6.88 28.70
N HIS A 177 -23.13 8.18 28.51
CA HIS A 177 -23.25 8.75 27.17
C HIS A 177 -21.94 9.24 26.57
N ASN A 178 -21.94 9.25 25.24
CA ASN A 178 -20.78 9.61 24.40
C ASN A 178 -19.71 8.61 24.64
N PRO A 179 -20.11 7.35 24.66
CA PRO A 179 -19.03 6.43 24.94
C PRO A 179 -17.98 6.54 23.86
N GLN A 180 -18.40 7.00 22.70
CA GLN A 180 -17.47 7.00 21.55
C GLN A 180 -16.17 7.69 21.86
N ALA A 181 -16.24 8.71 22.70
CA ALA A 181 -15.05 9.54 23.06
C ALA A 181 -14.08 8.84 23.95
N LEU A 182 -14.49 7.69 24.44
CA LEU A 182 -13.64 6.87 25.36
C LEU A 182 -12.63 6.01 24.57
N ASN A 183 -12.92 5.88 23.29
CA ASN A 183 -12.11 5.06 22.35
C ASN A 183 -10.64 5.48 22.38
N PRO A 184 -9.76 4.61 22.86
CA PRO A 184 -8.35 5.00 22.96
C PRO A 184 -7.48 4.69 21.71
N TRP A 185 -8.12 4.29 20.62
CA TRP A 185 -7.37 3.76 19.47
C TRP A 185 -7.27 4.58 18.24
N TYR A 186 -6.12 4.42 17.57
CA TYR A 186 -5.90 5.03 16.28
C TYR A 186 -5.87 3.93 15.26
N PHE A 187 -6.92 3.91 14.44
CA PHE A 187 -7.14 2.90 13.41
C PHE A 187 -7.28 3.59 12.04
N PRO A 188 -6.17 3.85 11.39
CA PRO A 188 -6.22 4.60 10.13
C PRO A 188 -6.38 3.79 8.86
N SER A 189 -6.82 4.52 7.84
CA SER A 189 -6.91 4.02 6.47
C SER A 189 -5.50 4.04 5.89
N ILE A 190 -5.32 3.42 4.74
CA ILE A 190 -4.02 3.48 4.09
C ILE A 190 -3.70 4.94 3.75
N GLY A 191 -4.65 5.64 3.17
CA GLY A 191 -4.37 7.00 2.78
C GLY A 191 -3.98 7.88 3.97
N GLU A 192 -4.62 7.66 5.10
CA GLU A 192 -4.33 8.49 6.28
C GLU A 192 -2.93 8.27 6.81
N TYR A 193 -2.58 7.02 6.98
CA TYR A 193 -1.28 6.75 7.54
C TYR A 193 -0.16 7.05 6.57
N VAL A 194 -0.33 6.63 5.32
CA VAL A 194 0.73 6.81 4.34
C VAL A 194 1.00 8.33 4.15
N ASN A 195 -0.04 9.14 4.26
CA ASN A 195 0.13 10.61 4.10
C ASN A 195 1.11 11.14 5.16
N ILE A 196 0.98 10.61 6.38
CA ILE A 196 1.84 11.07 7.48
C ILE A 196 3.24 10.63 7.23
N LEU A 197 3.34 9.39 6.81
CA LEU A 197 4.64 8.80 6.50
C LEU A 197 5.39 9.58 5.42
N GLU A 198 4.69 9.96 4.37
CA GLU A 198 5.29 10.64 3.23
C GLU A 198 5.65 12.07 3.59
N LYS A 199 4.84 12.67 4.42
CA LYS A 199 5.07 14.05 4.83
C LYS A 199 6.36 14.13 5.64
N GLN A 200 6.67 13.07 6.34
CA GLN A 200 7.86 13.01 7.20
C GLN A 200 9.08 12.71 6.41
N GLY A 201 8.88 12.21 5.19
CA GLY A 201 10.00 11.95 4.27
C GLY A 201 10.27 10.49 3.88
N PHE A 202 9.33 9.63 4.16
CA PHE A 202 9.46 8.25 3.76
C PHE A 202 8.94 8.04 2.34
N ASP A 203 9.57 7.07 1.70
CA ASP A 203 9.12 6.50 0.44
C ASP A 203 8.33 5.27 0.86
N VAL A 204 7.04 5.29 0.70
CA VAL A 204 6.20 4.19 1.10
C VAL A 204 6.10 3.22 -0.07
N THR A 205 6.46 1.96 0.17
CA THR A 205 6.47 1.00 -0.93
C THR A 205 5.44 -0.09 -0.86
N TYR A 206 4.79 -0.21 0.29
CA TYR A 206 3.77 -1.24 0.46
C TYR A 206 2.76 -0.82 1.50
N ALA A 207 1.49 -1.03 1.18
CA ALA A 207 0.43 -0.80 2.14
C ALA A 207 -0.69 -1.77 1.88
N ALA A 208 -1.22 -2.37 2.93
CA ALA A 208 -2.40 -3.28 2.83
C ALA A 208 -3.33 -3.01 3.98
N LEU A 209 -4.61 -3.23 3.75
CA LEU A 209 -5.67 -3.07 4.77
C LEU A 209 -6.54 -4.30 4.60
N PHE A 210 -6.53 -5.15 5.63
CA PHE A 210 -7.09 -6.49 5.48
C PHE A 210 -7.60 -7.12 6.76
N ASN A 211 -8.64 -7.89 6.57
CA ASN A 211 -9.27 -8.66 7.64
C ASN A 211 -8.43 -9.85 8.02
N ARG A 212 -8.42 -10.07 9.31
CA ARG A 212 -7.72 -11.20 9.92
C ARG A 212 -8.45 -11.61 11.21
N PRO A 213 -9.67 -12.13 11.04
CA PRO A 213 -10.48 -12.61 12.16
C PRO A 213 -9.68 -13.65 12.89
N THR A 214 -9.67 -13.50 14.20
CA THR A 214 -8.83 -14.31 15.08
C THR A 214 -9.62 -14.91 16.22
N THR A 215 -9.33 -16.19 16.46
CA THR A 215 -9.98 -16.89 17.56
C THR A 215 -9.30 -16.50 18.85
N LEU A 216 -10.12 -16.17 19.85
CA LEU A 216 -9.63 -15.78 21.18
C LEU A 216 -9.39 -17.00 22.04
N ALA A 217 -8.40 -16.86 22.91
CA ALA A 217 -7.99 -17.92 23.82
C ALA A 217 -8.97 -18.08 24.97
N GLU A 218 -8.97 -19.29 25.52
CA GLU A 218 -9.71 -19.58 26.73
C GLU A 218 -11.20 -19.81 26.54
N GLY A 219 -11.56 -20.23 25.34
CA GLY A 219 -12.93 -20.60 25.05
C GLY A 219 -13.96 -19.61 25.51
N GLU A 220 -14.83 -20.03 26.42
CA GLU A 220 -15.95 -19.17 26.82
C GLU A 220 -15.56 -17.87 27.56
N PHE A 221 -14.34 -17.80 28.06
CA PHE A 221 -13.86 -16.60 28.78
C PHE A 221 -13.20 -15.60 27.85
N GLY A 222 -13.10 -15.97 26.60
CA GLY A 222 -12.40 -15.15 25.62
C GLY A 222 -12.77 -13.69 25.55
N ALA A 224 -14.75 -11.93 27.76
CA ALA A 224 -14.54 -11.29 29.05
C ALA A 224 -13.04 -10.94 29.22
N ASN A 225 -12.17 -11.85 28.82
CA ASN A 225 -10.72 -11.60 29.03
C ASN A 225 -10.28 -10.47 28.13
N TRP A 226 -10.86 -10.44 26.93
CA TRP A 226 -10.46 -9.41 25.93
C TRP A 226 -10.79 -8.05 26.49
N ILE A 227 -11.95 -7.96 27.11
CA ILE A 227 -12.45 -6.68 27.62
C ILE A 227 -11.62 -6.25 28.81
N GLN A 228 -11.34 -7.21 29.66
CA GLN A 228 -10.57 -6.92 30.87
C GLN A 228 -9.19 -6.45 30.43
N PHE A 230 -8.01 -5.27 27.16
CA PHE A 230 -7.84 -4.21 26.20
C PHE A 230 -8.82 -3.06 26.30
N ALA A 231 -9.94 -3.23 26.99
CA ALA A 231 -11.00 -2.24 27.09
C ALA A 231 -11.02 -1.44 28.35
N SER A 232 -9.89 -1.38 29.03
CA SER A 232 -9.87 -0.63 30.30
C SER A 232 -10.39 0.78 30.19
N ALA A 233 -10.17 1.38 29.03
CA ALA A 233 -10.58 2.77 28.81
C ALA A 233 -12.06 2.91 28.97
N PHE A 234 -12.76 1.82 28.69
CA PHE A 234 -14.22 1.86 28.76
C PHE A 234 -14.74 1.53 30.13
N LEU A 235 -13.88 0.94 30.94
CA LEU A 235 -14.27 0.44 32.26
C LEU A 235 -13.92 1.38 33.42
N VAL A 236 -13.08 2.34 33.15
CA VAL A 236 -12.49 3.18 34.21
C VAL A 236 -13.42 4.00 35.08
N GLY A 237 -14.53 4.45 34.57
CA GLY A 237 -15.38 5.22 35.48
C GLY A 237 -16.58 4.45 35.99
N LEU A 238 -16.56 3.14 35.78
CA LEU A 238 -17.66 2.22 36.26
C LEU A 238 -17.49 1.64 37.66
N THR A 239 -18.60 1.33 38.28
CA THR A 239 -18.58 0.71 39.57
C THR A 239 -18.26 -0.79 39.36
N PRO A 240 -17.93 -1.51 40.45
CA PRO A 240 -17.56 -2.91 40.20
C PRO A 240 -18.64 -3.73 39.54
N ASP A 241 -19.85 -3.56 40.03
CA ASP A 241 -21.01 -4.26 39.50
C ASP A 241 -21.39 -3.80 38.08
N GLN A 242 -21.15 -2.54 37.77
CA GLN A 242 -21.43 -2.07 36.42
C GLN A 242 -20.45 -2.70 35.41
N GLN A 243 -19.22 -2.99 35.86
CA GLN A 243 -18.26 -3.65 34.96
C GLN A 243 -18.72 -5.07 34.60
N VAL A 244 -19.30 -5.77 35.56
CA VAL A 244 -19.81 -7.13 35.33
C VAL A 244 -20.98 -7.09 34.33
N GLN A 245 -21.84 -6.10 34.52
CA GLN A 245 -23.04 -5.89 33.69
C GLN A 245 -22.67 -5.53 32.28
N LEU A 246 -21.57 -4.79 32.15
CA LEU A 246 -21.13 -4.37 30.82
C LEU A 246 -20.61 -5.58 30.02
N ILE A 247 -19.92 -6.49 30.72
CA ILE A 247 -19.38 -7.68 30.05
C ILE A 247 -20.51 -8.60 29.60
N ARG A 248 -21.51 -8.75 30.45
CA ARG A 248 -22.72 -9.54 30.13
C ARG A 248 -23.38 -9.02 28.90
N LYS A 249 -23.59 -7.71 28.92
CA LYS A 249 -24.23 -7.02 27.78
C LYS A 249 -23.47 -7.20 26.49
N VAL A 250 -22.16 -7.04 26.55
CA VAL A 250 -21.35 -7.16 25.34
C VAL A 250 -21.41 -8.58 24.78
N GLU A 251 -21.25 -9.56 25.64
CA GLU A 251 -21.39 -11.00 25.27
C GLU A 251 -22.75 -11.24 24.62
N ALA A 252 -23.79 -10.74 25.26
CA ALA A 252 -25.14 -10.88 24.73
C ALA A 252 -25.30 -10.33 23.31
N THR A 253 -24.75 -9.15 23.11
CA THR A 253 -24.87 -8.46 21.80
C THR A 253 -24.09 -9.17 20.72
N LEU A 254 -22.95 -9.77 21.13
CA LEU A 254 -22.02 -10.38 20.19
C LEU A 254 -22.14 -11.89 19.94
N GLN A 255 -22.84 -12.58 20.82
CA GLN A 255 -22.86 -14.03 20.83
C GLN A 255 -23.25 -14.70 19.52
N ASP A 256 -24.28 -14.14 18.89
CA ASP A 256 -24.73 -14.71 17.64
C ASP A 256 -23.68 -14.60 16.53
N LYS A 257 -23.00 -13.49 16.46
CA LYS A 257 -22.04 -13.28 15.38
C LYS A 257 -20.64 -13.80 15.64
N LEU A 258 -20.17 -13.66 16.87
CA LEU A 258 -18.76 -13.92 17.18
C LEU A 258 -18.44 -15.12 18.03
N TYR A 259 -19.48 -15.80 18.50
CA TYR A 259 -19.32 -17.01 19.31
C TYR A 259 -19.77 -18.23 18.55
N HIS A 260 -18.80 -19.11 18.35
CA HIS A 260 -19.00 -20.35 17.60
C HIS A 260 -18.08 -21.47 18.06
N GLN A 261 -18.66 -22.64 18.18
CA GLN A 261 -17.89 -23.81 18.50
C GLN A 261 -17.05 -23.59 19.76
N GLU A 262 -17.72 -22.99 20.74
CA GLU A 262 -17.21 -22.83 22.11
C GLU A 262 -16.04 -21.85 22.24
N SER A 263 -15.95 -21.00 21.22
CA SER A 263 -14.95 -19.93 21.21
C SER A 263 -15.42 -18.63 20.60
N TRP A 264 -14.86 -17.56 21.15
CA TRP A 264 -15.05 -16.20 20.64
C TRP A 264 -14.02 -15.81 19.58
N THR A 265 -14.51 -15.05 18.61
CA THR A 265 -13.65 -14.47 17.58
C THR A 265 -13.70 -12.97 17.67
N ALA A 266 -12.60 -12.37 17.28
CA ALA A 266 -12.49 -10.93 17.22
C ALA A 266 -12.28 -10.58 15.76
N ASP A 267 -13.08 -9.62 15.33
CA ASP A 267 -13.11 -9.11 13.96
C ASP A 267 -11.98 -8.11 13.70
N TYR A 268 -10.75 -8.61 13.74
CA TYR A 268 -9.61 -7.75 13.45
C TYR A 268 -9.44 -7.39 11.99
N ARG A 269 -9.04 -6.14 11.78
CA ARG A 269 -8.69 -5.60 10.45
C ARG A 269 -7.43 -4.77 10.66
N ARG A 270 -6.39 -5.09 9.89
CA ARG A 270 -5.11 -4.50 10.11
C ARG A 270 -4.60 -3.76 8.91
N ILE A 271 -3.81 -2.77 9.25
CA ILE A 271 -2.99 -2.01 8.33
C ILE A 271 -1.57 -2.53 8.44
N ARG A 272 -0.93 -2.74 7.28
CA ARG A 272 0.43 -3.25 7.14
C ARG A 272 1.19 -2.39 6.19
N ILE A 273 2.38 -1.94 6.57
CA ILE A 273 3.14 -1.04 5.72
C ILE A 273 4.63 -1.31 5.71
N VAL A 274 5.21 -0.91 4.60
CA VAL A 274 6.65 -0.86 4.42
C VAL A 274 6.98 0.51 3.88
N SER A 275 7.94 1.13 4.56
CA SER A 275 8.42 2.47 4.23
C SER A 275 9.95 2.57 4.34
N ILE A 276 10.51 3.33 3.42
CA ILE A 276 11.94 3.52 3.31
C ILE A 276 12.35 4.98 3.52
N LYS A 277 13.37 5.15 4.34
CA LYS A 277 13.92 6.49 4.60
C LYS A 277 14.66 6.88 3.37
N ALA A 278 14.15 7.93 2.78
CA ALA A 278 14.64 8.49 1.51
C ALA A 278 15.97 9.20 1.68
N LYS B 38 15.23 -11.57 -8.70
CA LYS B 38 15.86 -12.87 -8.28
C LYS B 38 15.24 -13.30 -6.95
N HIS B 39 14.24 -12.54 -6.54
CA HIS B 39 13.56 -12.78 -5.26
C HIS B 39 12.05 -12.77 -5.36
N SER B 40 11.54 -12.76 -6.60
CA SER B 40 10.08 -12.76 -6.86
C SER B 40 9.73 -13.78 -7.95
N PHE B 41 8.43 -14.14 -8.07
CA PHE B 41 7.97 -15.08 -9.13
C PHE B 41 8.17 -14.48 -10.52
N VAL B 42 8.37 -15.35 -11.50
CA VAL B 42 8.38 -14.93 -12.91
C VAL B 42 6.86 -14.90 -13.33
N TRP B 43 6.44 -13.84 -13.98
CA TRP B 43 5.04 -13.67 -14.38
C TRP B 43 4.89 -13.28 -15.83
N GLN B 44 3.86 -13.80 -16.48
CA GLN B 44 3.54 -13.38 -17.85
C GLN B 44 2.95 -11.98 -17.79
N TYR B 45 2.98 -11.30 -18.92
CA TYR B 45 2.45 -9.92 -19.02
C TYR B 45 1.04 -9.79 -18.46
N GLY B 46 0.93 -8.90 -17.48
CA GLY B 46 -0.34 -8.56 -16.86
C GLY B 46 -0.90 -9.62 -15.95
N GLU B 47 -0.14 -10.71 -15.82
CA GLU B 47 -0.63 -11.91 -15.15
C GLU B 47 -1.00 -11.78 -13.67
N ASP B 48 -0.11 -11.22 -12.87
CA ASP B 48 -0.41 -11.00 -11.41
C ASP B 48 -1.47 -9.96 -11.20
N LEU B 49 -1.49 -8.96 -12.08
CA LEU B 49 -2.48 -7.90 -11.95
C LEU B 49 -3.84 -8.47 -12.27
N LEU B 50 -3.87 -9.39 -13.22
CA LEU B 50 -5.14 -10.07 -13.59
C LEU B 50 -5.65 -10.99 -12.45
N GLN B 51 -4.69 -11.54 -11.73
CA GLN B 51 -5.02 -12.40 -10.60
C GLN B 51 -5.60 -11.59 -9.44
N LEU B 52 -5.10 -10.37 -9.28
CA LEU B 52 -5.62 -9.46 -8.26
C LEU B 52 -7.05 -9.08 -8.62
N LEU B 53 -7.30 -8.95 -9.92
CA LEU B 53 -8.62 -8.58 -10.46
C LEU B 53 -9.61 -9.70 -10.23
N ASN B 54 -9.14 -10.93 -10.41
CA ASN B 54 -9.99 -12.14 -10.28
C ASN B 54 -11.30 -12.06 -11.07
N PRO B 55 -11.23 -11.85 -12.39
CA PRO B 55 -12.44 -11.77 -13.13
C PRO B 55 -13.11 -13.13 -13.16
N GLN B 56 -14.43 -13.08 -13.07
CA GLN B 56 -15.26 -14.27 -12.99
C GLN B 56 -16.42 -14.24 -13.98
N PRO B 57 -16.97 -15.41 -14.30
CA PRO B 57 -17.99 -15.30 -15.31
C PRO B 57 -19.25 -14.67 -14.77
N GLY B 58 -19.89 -13.93 -15.64
CA GLY B 58 -21.14 -13.26 -15.29
C GLY B 58 -20.86 -11.83 -14.86
N GLU B 59 -19.58 -11.51 -14.84
CA GLU B 59 -19.16 -10.16 -14.47
C GLU B 59 -19.05 -9.31 -15.71
N PHE B 60 -19.29 -8.01 -15.52
CA PHE B 60 -19.09 -7.03 -16.58
C PHE B 60 -17.91 -6.17 -16.22
N ILE B 61 -16.84 -6.32 -17.00
CA ILE B 61 -15.56 -5.65 -16.72
C ILE B 61 -15.10 -4.75 -17.86
N LEU B 62 -14.57 -3.62 -17.45
CA LEU B 62 -13.99 -2.65 -18.36
C LEU B 62 -12.47 -2.66 -18.26
N ASP B 63 -11.84 -2.75 -19.42
CA ASP B 63 -10.39 -2.71 -19.54
C ASP B 63 -10.07 -1.30 -20.09
N LEU B 64 -9.80 -0.41 -19.15
CA LEU B 64 -9.63 1.01 -19.41
C LEU B 64 -8.23 1.28 -19.83
N GLY B 65 -8.09 1.71 -21.08
CA GLY B 65 -6.77 1.97 -21.69
C GLY B 65 -6.30 0.63 -22.21
N CYS B 66 -7.13 0.04 -23.05
CA CYS B 66 -6.94 -1.36 -23.49
C CYS B 66 -5.82 -1.61 -24.47
N GLY B 67 -5.35 -0.54 -25.10
CA GLY B 67 -4.28 -0.68 -26.10
C GLY B 67 -4.62 -1.62 -27.23
N THR B 68 -3.69 -2.52 -27.52
CA THR B 68 -3.83 -3.49 -28.65
C THR B 68 -4.88 -4.56 -28.37
N GLY B 69 -5.32 -4.59 -27.13
CA GLY B 69 -6.36 -5.54 -26.68
C GLY B 69 -5.86 -6.82 -26.03
N GLN B 70 -4.55 -7.00 -25.94
CA GLN B 70 -4.00 -8.23 -25.32
C GLN B 70 -4.65 -8.68 -23.99
N LEU B 71 -4.75 -7.76 -23.03
CA LEU B 71 -5.26 -8.11 -21.68
C LEU B 71 -6.74 -8.15 -21.67
N THR B 72 -7.33 -7.49 -22.64
CA THR B 72 -8.80 -7.49 -22.76
C THR B 72 -9.18 -8.92 -23.12
N GLU B 73 -8.28 -9.54 -23.87
CA GLU B 73 -8.46 -10.94 -24.32
C GLU B 73 -8.29 -11.89 -23.14
N LYS B 74 -7.34 -11.57 -22.28
CA LYS B 74 -7.09 -12.40 -21.08
C LYS B 74 -8.29 -12.38 -20.14
N ILE B 75 -8.86 -11.20 -20.00
CA ILE B 75 -10.00 -11.04 -19.11
C ILE B 75 -11.17 -11.83 -19.70
N ALA B 76 -11.23 -11.83 -21.03
CA ALA B 76 -12.33 -12.46 -21.74
C ALA B 76 -12.27 -13.94 -21.54
N GLN B 77 -11.04 -14.44 -21.47
CA GLN B 77 -10.81 -15.89 -21.36
C GLN B 77 -11.30 -16.45 -20.06
N SER B 78 -11.55 -15.56 -19.13
CA SER B 78 -12.01 -15.95 -17.80
C SER B 78 -13.50 -16.19 -17.85
N GLY B 79 -14.08 -15.84 -18.96
CA GLY B 79 -15.53 -15.99 -19.15
C GLY B 79 -16.33 -14.75 -18.80
N ALA B 80 -15.60 -13.73 -18.36
CA ALA B 80 -16.21 -12.45 -17.99
C ALA B 80 -16.62 -11.67 -19.21
N GLU B 81 -17.70 -10.93 -19.07
CA GLU B 81 -18.13 -10.02 -20.12
C GLU B 81 -17.19 -8.84 -19.99
N VAL B 82 -16.62 -8.41 -21.10
CA VAL B 82 -15.63 -7.33 -21.07
C VAL B 82 -15.72 -6.34 -22.20
N LEU B 83 -15.32 -5.11 -21.88
CA LEU B 83 -15.25 -4.03 -22.85
C LEU B 83 -13.89 -3.39 -22.73
N GLY B 84 -13.29 -3.15 -23.87
CA GLY B 84 -12.01 -2.49 -23.93
C GLY B 84 -12.21 -1.12 -24.52
N THR B 85 -11.61 -0.14 -23.88
CA THR B 85 -11.66 1.23 -24.38
C THR B 85 -10.30 1.86 -24.35
N ASP B 86 -10.22 2.86 -25.18
CA ASP B 86 -9.02 3.63 -25.35
C ASP B 86 -9.38 4.99 -25.96
N ASN B 87 -8.54 5.96 -25.74
CA ASN B 87 -8.88 7.31 -26.20
C ASN B 87 -8.57 7.53 -27.70
N ALA B 88 -7.75 6.64 -28.23
CA ALA B 88 -7.26 6.66 -29.63
C ALA B 88 -8.07 5.77 -30.56
N ALA B 89 -8.74 6.37 -31.54
CA ALA B 89 -9.61 5.60 -32.46
C ALA B 89 -8.79 4.66 -33.31
N THR B 90 -7.53 4.99 -33.48
CA THR B 90 -6.65 4.13 -34.27
C THR B 90 -6.44 2.87 -33.50
N ILE B 92 -8.18 1.54 -31.30
CA ILE B 92 -9.41 0.74 -31.17
C ILE B 92 -9.71 -0.06 -32.41
N GLU B 93 -9.13 0.36 -33.53
CA GLU B 93 -9.32 -0.37 -34.78
C GLU B 93 -8.25 -1.46 -34.85
N LYS B 94 -7.03 -1.09 -34.47
CA LYS B 94 -5.91 -2.02 -34.47
C LYS B 94 -6.22 -3.15 -33.49
N ALA B 95 -7.12 -2.86 -32.55
CA ALA B 95 -7.48 -3.82 -31.52
C ALA B 95 -8.51 -4.76 -32.07
N ARG B 96 -9.45 -4.20 -32.82
CA ARG B 96 -10.55 -4.99 -33.39
C ARG B 96 -10.02 -5.98 -34.43
N GLN B 97 -8.85 -5.65 -34.95
CA GLN B 97 -8.18 -6.47 -35.97
C GLN B 97 -7.43 -7.61 -35.26
N ASN B 98 -6.91 -7.30 -34.08
CA ASN B 98 -6.15 -8.27 -33.27
C ASN B 98 -7.06 -9.33 -32.68
N TYR B 99 -8.23 -8.86 -32.24
CA TYR B 99 -9.24 -9.71 -31.59
C TYR B 99 -10.61 -9.33 -32.09
N PRO B 100 -10.95 -9.71 -33.33
CA PRO B 100 -12.23 -9.38 -33.95
C PRO B 100 -13.44 -9.88 -33.22
N HIS B 101 -13.19 -10.70 -32.24
CA HIS B 101 -14.28 -11.33 -31.48
C HIS B 101 -14.62 -10.53 -30.23
N LEU B 102 -13.80 -9.52 -29.95
CA LEU B 102 -13.99 -8.71 -28.74
C LEU B 102 -14.66 -7.34 -29.00
N HIS B 103 -15.31 -6.84 -27.95
CA HIS B 103 -15.97 -5.50 -27.92
C HIS B 103 -15.03 -4.37 -27.50
N PHE B 104 -14.95 -3.36 -28.35
CA PHE B 104 -14.12 -2.16 -28.11
C PHE B 104 -14.80 -0.84 -28.50
N ASP B 105 -14.40 0.21 -27.81
CA ASP B 105 -14.91 1.57 -28.04
C ASP B 105 -13.90 2.61 -27.68
N VAL B 106 -13.99 3.74 -28.37
CA VAL B 106 -13.15 4.91 -28.05
C VAL B 106 -13.80 5.69 -26.93
N ALA B 107 -13.00 5.90 -25.90
CA ALA B 107 -13.42 6.66 -24.73
C ALA B 107 -12.29 7.37 -24.02
N ASP B 108 -12.69 8.42 -23.32
CA ASP B 108 -11.77 9.20 -22.50
C ASP B 108 -11.95 8.81 -21.05
N ALA B 109 -10.83 8.40 -20.48
CA ALA B 109 -10.78 7.90 -19.10
C ALA B 109 -11.35 8.92 -18.15
N ARG B 110 -11.26 10.17 -18.58
CA ARG B 110 -11.65 11.31 -17.75
C ARG B 110 -13.14 11.56 -17.74
N ASN B 111 -13.82 11.13 -18.78
CA ASN B 111 -15.25 11.45 -18.93
C ASN B 111 -16.12 10.37 -19.52
N PHE B 112 -15.73 9.12 -19.39
CA PHE B 112 -16.52 8.03 -19.97
C PHE B 112 -17.74 7.62 -19.16
N ARG B 113 -18.62 6.92 -19.86
CA ARG B 113 -19.88 6.41 -19.31
C ARG B 113 -20.15 4.99 -19.87
N VAL B 114 -20.83 4.14 -19.10
CA VAL B 114 -21.14 2.75 -19.56
C VAL B 114 -22.64 2.38 -19.68
N ASP B 115 -22.91 1.46 -20.60
CA ASP B 115 -24.31 1.04 -20.90
C ASP B 115 -25.00 0.37 -19.72
N LYS B 116 -24.18 -0.21 -18.87
CA LYS B 116 -24.66 -0.93 -17.68
C LYS B 116 -23.57 -0.90 -16.62
N PRO B 117 -23.96 -0.91 -15.35
CA PRO B 117 -22.96 -0.90 -14.27
C PRO B 117 -21.94 -2.00 -14.41
N LEU B 118 -20.71 -1.67 -14.04
CA LEU B 118 -19.58 -2.62 -14.08
C LEU B 118 -19.29 -3.30 -12.75
N ASP B 119 -18.74 -4.50 -12.83
CA ASP B 119 -18.33 -5.21 -11.63
C ASP B 119 -16.91 -4.78 -11.30
N ALA B 120 -16.17 -4.45 -12.35
CA ALA B 120 -14.78 -4.05 -12.16
C ALA B 120 -14.23 -3.26 -13.30
N VAL B 121 -13.32 -2.37 -12.93
CA VAL B 121 -12.50 -1.62 -13.87
C VAL B 121 -11.06 -2.09 -13.66
N PHE B 122 -10.43 -2.42 -14.77
CA PHE B 122 -9.04 -2.85 -14.83
C PHE B 122 -8.25 -1.91 -15.73
N SER B 123 -7.10 -1.44 -15.25
CA SER B 123 -6.25 -0.56 -16.06
C SER B 123 -4.81 -0.79 -15.85
N ASN B 124 -4.11 -1.14 -16.93
CA ASN B 124 -2.66 -1.38 -16.90
C ASN B 124 -1.88 -0.49 -17.85
N ALA B 125 -0.87 0.19 -17.31
CA ALA B 125 0.02 0.98 -18.16
C ALA B 125 -0.58 2.14 -18.95
N LEU B 127 -2.62 4.98 -16.99
CA LEU B 127 -3.07 6.10 -16.14
C LEU B 127 -2.03 7.19 -15.88
N HIS B 128 -0.77 6.93 -16.15
CA HIS B 128 0.26 7.95 -15.97
C HIS B 128 0.17 8.98 -17.10
N TRP B 129 -0.68 8.75 -18.08
CA TRP B 129 -0.84 9.70 -19.18
C TRP B 129 -1.99 10.60 -18.87
N VAL B 130 -2.69 10.31 -17.80
CA VAL B 130 -3.88 11.09 -17.40
C VAL B 130 -3.51 12.08 -16.30
N LYS B 131 -3.36 13.35 -16.72
CA LYS B 131 -2.93 14.42 -15.77
C LYS B 131 -4.09 15.02 -14.99
N GLU B 132 -5.32 14.53 -15.25
CA GLU B 132 -6.52 14.86 -14.46
C GLU B 132 -7.02 13.60 -13.72
N PRO B 133 -6.20 13.07 -12.81
CA PRO B 133 -6.51 11.82 -12.16
C PRO B 133 -7.85 11.77 -11.45
N GLU B 134 -8.25 12.90 -10.93
CA GLU B 134 -9.44 12.98 -10.12
C GLU B 134 -10.67 12.74 -10.97
N ALA B 135 -10.58 13.19 -12.21
CA ALA B 135 -11.72 13.14 -13.13
C ALA B 135 -11.88 11.71 -13.59
N ALA B 136 -10.75 11.04 -13.74
CA ALA B 136 -10.75 9.61 -14.13
C ALA B 136 -11.39 8.76 -13.02
N ILE B 137 -10.85 8.94 -11.83
CA ILE B 137 -11.36 8.23 -10.64
C ILE B 137 -12.84 8.46 -10.44
N ALA B 138 -13.28 9.66 -10.76
CA ALA B 138 -14.70 10.01 -10.61
C ALA B 138 -15.53 9.22 -11.61
N SER B 139 -15.07 9.19 -12.85
CA SER B 139 -15.83 8.45 -13.89
C SER B 139 -15.88 6.98 -13.53
N ILE B 140 -14.77 6.49 -12.99
CA ILE B 140 -14.67 5.05 -12.66
C ILE B 140 -15.66 4.70 -11.57
N HIS B 141 -15.70 5.56 -10.55
CA HIS B 141 -16.59 5.35 -9.39
C HIS B 141 -18.07 5.35 -9.82
N GLN B 142 -18.34 6.13 -10.83
CA GLN B 142 -19.71 6.31 -11.25
C GLN B 142 -20.14 5.13 -12.09
N ALA B 143 -19.16 4.51 -12.73
CA ALA B 143 -19.37 3.38 -13.66
C ALA B 143 -19.59 2.07 -12.91
N LEU B 144 -18.98 1.98 -11.74
CA LEU B 144 -19.07 0.76 -10.92
C LEU B 144 -20.35 0.58 -10.10
N LYS B 145 -20.70 -0.68 -9.96
CA LYS B 145 -21.79 -1.13 -9.13
C LYS B 145 -21.21 -0.95 -7.76
N SER B 146 -22.04 -0.82 -6.73
CA SER B 146 -21.47 -0.74 -5.40
C SER B 146 -20.82 -2.08 -5.11
N GLY B 147 -19.62 -2.02 -4.57
CA GLY B 147 -18.85 -3.24 -4.21
C GLY B 147 -18.03 -3.65 -5.42
N GLY B 148 -18.11 -2.79 -6.42
CA GLY B 148 -17.36 -2.91 -7.68
C GLY B 148 -15.89 -2.65 -7.42
N ARG B 149 -15.04 -3.21 -8.24
CA ARG B 149 -13.60 -3.20 -8.01
C ARG B 149 -12.84 -2.35 -9.03
N PHE B 150 -11.80 -1.68 -8.57
CA PHE B 150 -10.88 -0.92 -9.42
C PHE B 150 -9.45 -1.43 -9.14
N VAL B 151 -8.85 -2.03 -10.16
CA VAL B 151 -7.50 -2.63 -10.05
C VAL B 151 -6.61 -2.01 -11.11
N ALA B 152 -5.50 -1.42 -10.70
CA ALA B 152 -4.68 -0.72 -11.66
C ALA B 152 -3.19 -0.78 -11.40
N GLU B 153 -2.46 -0.61 -12.49
CA GLU B 153 -1.01 -0.42 -12.39
C GLU B 153 -0.58 0.54 -13.49
N PHE B 154 0.31 1.45 -13.10
CA PHE B 154 0.87 2.43 -14.03
C PHE B 154 2.14 3.04 -13.43
N GLY B 155 2.72 4.00 -14.12
CA GLY B 155 3.93 4.64 -13.63
C GLY B 155 3.72 5.40 -12.33
N GLY B 156 4.58 5.12 -11.36
CA GLY B 156 4.50 5.78 -10.05
C GLY B 156 5.67 6.67 -9.76
N LYS B 157 5.55 7.37 -8.64
CA LYS B 157 6.59 8.27 -8.19
C LYS B 157 7.99 7.66 -8.25
N GLY B 158 8.81 8.36 -8.98
CA GLY B 158 10.22 7.95 -9.21
C GLY B 158 10.44 7.23 -10.53
N ASN B 159 9.36 7.03 -11.26
CA ASN B 159 9.42 6.37 -12.56
C ASN B 159 10.40 7.15 -13.45
N ILE B 160 11.26 6.40 -14.12
CA ILE B 160 12.24 6.97 -15.09
C ILE B 160 12.97 8.22 -14.65
N LYS B 161 13.22 8.25 -13.36
CA LYS B 161 13.96 9.34 -12.68
C LYS B 161 15.28 9.69 -13.36
N TYR B 162 16.09 8.68 -13.61
CA TYR B 162 17.40 8.92 -14.23
C TYR B 162 17.30 9.38 -15.68
N ILE B 163 16.39 8.81 -16.44
CA ILE B 163 16.21 9.20 -17.86
C ILE B 163 15.81 10.66 -17.88
N LEU B 164 14.88 10.99 -17.00
CA LEU B 164 14.31 12.37 -16.97
C LEU B 164 15.35 13.43 -16.59
N GLU B 165 16.17 13.06 -15.66
CA GLU B 165 17.17 13.98 -15.19
C GLU B 165 18.13 14.29 -16.33
N ALA B 166 18.53 13.24 -17.03
CA ALA B 166 19.48 13.37 -18.12
C ALA B 166 18.82 14.21 -19.22
N LEU B 167 17.56 13.94 -19.50
CA LEU B 167 16.78 14.64 -20.54
C LEU B 167 16.64 16.12 -20.24
N TYR B 168 16.17 16.39 -19.04
CA TYR B 168 16.02 17.76 -18.57
C TYR B 168 17.33 18.51 -18.67
N ASN B 169 18.41 17.91 -18.14
CA ASN B 169 19.71 18.59 -18.19
C ASN B 169 20.15 18.89 -19.61
N ALA B 170 19.95 17.90 -20.48
CA ALA B 170 20.41 18.03 -21.86
C ALA B 170 19.59 19.08 -22.57
N LEU B 171 18.30 19.14 -22.26
CA LEU B 171 17.44 20.16 -22.94
C LEU B 171 17.90 21.56 -22.60
N GLU B 172 18.26 21.71 -21.34
CA GLU B 172 18.69 22.99 -20.83
C GLU B 172 19.90 23.41 -21.58
N THR B 173 20.81 22.47 -21.81
CA THR B 173 22.03 22.88 -22.57
C THR B 173 21.73 23.32 -24.00
N LEU B 174 20.57 22.94 -24.53
CA LEU B 174 20.12 23.27 -25.91
C LEU B 174 19.20 24.47 -25.92
N GLY B 175 19.06 25.08 -24.77
CA GLY B 175 18.32 26.36 -24.65
C GLY B 175 16.86 26.19 -24.38
N ILE B 176 16.49 24.98 -23.94
CA ILE B 176 15.13 24.71 -23.60
C ILE B 176 15.05 24.84 -22.08
N HIS B 177 14.53 25.97 -21.66
CA HIS B 177 14.41 26.27 -20.23
C HIS B 177 13.03 25.81 -19.80
N ASN B 178 12.90 25.37 -18.58
CA ASN B 178 11.57 24.88 -18.17
C ASN B 178 11.09 23.66 -18.96
N PRO B 179 11.92 22.61 -19.06
CA PRO B 179 11.43 21.43 -19.75
C PRO B 179 10.35 20.71 -18.96
N GLN B 180 10.30 20.97 -17.68
CA GLN B 180 9.26 20.32 -16.83
C GLN B 180 7.85 20.65 -17.28
N ALA B 181 7.70 21.83 -17.87
CA ALA B 181 6.38 22.32 -18.37
C ALA B 181 5.86 21.43 -19.47
N LEU B 182 6.76 20.67 -20.05
CA LEU B 182 6.41 19.84 -21.20
C LEU B 182 6.13 18.39 -20.80
N ASN B 183 6.38 18.06 -19.55
CA ASN B 183 6.23 16.66 -19.05
C ASN B 183 4.76 16.26 -19.19
N PRO B 184 4.45 15.21 -19.93
CA PRO B 184 3.04 14.90 -20.03
C PRO B 184 2.52 13.83 -19.10
N TRP B 185 3.30 13.50 -18.07
CA TRP B 185 2.94 12.40 -17.19
C TRP B 185 2.59 12.73 -15.75
N TYR B 186 1.88 11.77 -15.16
CA TYR B 186 1.43 11.84 -13.79
C TYR B 186 1.92 10.58 -13.13
N PHE B 187 2.91 10.75 -12.26
CA PHE B 187 3.58 9.64 -11.55
C PHE B 187 3.33 9.82 -10.07
N PRO B 188 2.20 9.32 -9.56
CA PRO B 188 1.97 9.58 -8.15
C PRO B 188 2.57 8.63 -7.13
N SER B 189 2.65 9.18 -5.92
CA SER B 189 3.03 8.37 -4.79
C SER B 189 1.78 7.57 -4.39
N ILE B 190 2.00 6.66 -3.47
CA ILE B 190 0.88 5.85 -2.94
C ILE B 190 -0.02 6.78 -2.17
N GLY B 191 0.58 7.66 -1.39
CA GLY B 191 -0.20 8.61 -0.61
C GLY B 191 -1.07 9.48 -1.49
N GLU B 192 -0.47 9.96 -2.57
CA GLU B 192 -1.21 10.83 -3.47
C GLU B 192 -2.41 10.16 -4.15
N TYR B 193 -2.20 8.98 -4.73
CA TYR B 193 -3.29 8.33 -5.49
C TYR B 193 -4.36 7.75 -4.58
N VAL B 194 -3.92 7.13 -3.49
CA VAL B 194 -4.85 6.50 -2.54
C VAL B 194 -5.77 7.52 -1.87
N ASN B 195 -5.20 8.69 -1.58
CA ASN B 195 -6.03 9.73 -1.00
C ASN B 195 -7.12 10.23 -1.97
N ILE B 196 -6.84 10.25 -3.26
CA ILE B 196 -7.88 10.65 -4.22
C ILE B 196 -8.96 9.59 -4.22
N LEU B 197 -8.52 8.34 -4.17
CA LEU B 197 -9.45 7.21 -4.21
C LEU B 197 -10.35 7.21 -2.98
N GLU B 198 -9.73 7.44 -1.82
CA GLU B 198 -10.50 7.38 -0.58
C GLU B 198 -11.49 8.51 -0.53
N LYS B 199 -11.08 9.63 -1.07
CA LYS B 199 -11.92 10.82 -1.03
C LYS B 199 -13.15 10.63 -1.92
N GLN B 200 -12.96 9.87 -3.00
CA GLN B 200 -14.06 9.61 -3.96
C GLN B 200 -15.03 8.55 -3.46
N GLY B 201 -14.61 7.83 -2.45
CA GLY B 201 -15.46 6.82 -1.82
C GLY B 201 -15.04 5.37 -1.96
N PHE B 202 -13.78 5.16 -2.33
CA PHE B 202 -13.22 3.80 -2.41
C PHE B 202 -12.54 3.38 -1.11
N ASP B 203 -12.69 2.11 -0.81
CA ASP B 203 -11.89 1.45 0.24
C ASP B 203 -10.68 0.92 -0.51
N VAL B 204 -9.49 1.32 -0.10
CA VAL B 204 -8.28 0.84 -0.72
C VAL B 204 -7.67 -0.19 0.20
N THR B 205 -7.42 -1.37 -0.33
CA THR B 205 -6.94 -2.46 0.43
C THR B 205 -5.53 -2.89 0.16
N TYR B 206 -4.95 -2.37 -0.90
CA TYR B 206 -3.61 -2.72 -1.27
C TYR B 206 -3.02 -1.70 -2.20
N ALA B 207 -1.80 -1.30 -1.89
CA ALA B 207 -1.06 -0.39 -2.79
C ALA B 207 0.38 -0.73 -2.65
N ALA B 208 1.08 -0.61 -3.76
CA ALA B 208 2.51 -0.89 -3.75
C ALA B 208 3.19 -0.06 -4.80
N LEU B 209 4.48 0.19 -4.55
CA LEU B 209 5.32 0.99 -5.46
C LEU B 209 6.63 0.24 -5.63
N PHE B 210 6.85 -0.27 -6.82
CA PHE B 210 8.04 -1.11 -7.12
CA PHE B 210 8.07 -1.03 -7.08
C PHE B 210 8.81 -0.73 -8.36
N ASN B 211 10.07 -1.05 -8.24
CA ASN B 211 11.07 -0.86 -9.27
C ASN B 211 10.99 -1.97 -10.26
N ARG B 212 10.96 -1.57 -11.51
CA ARG B 212 10.85 -2.52 -12.55
C ARG B 212 11.80 -2.20 -13.70
N PRO B 213 13.10 -2.28 -13.44
CA PRO B 213 14.06 -2.03 -14.51
C PRO B 213 13.81 -2.97 -15.65
N THR B 214 13.67 -2.41 -16.82
CA THR B 214 13.34 -3.18 -18.00
C THR B 214 14.27 -2.92 -19.18
N THR B 215 14.64 -3.99 -19.85
CA THR B 215 15.46 -3.92 -21.05
C THR B 215 14.67 -3.42 -22.24
N LEU B 216 15.25 -2.45 -22.92
CA LEU B 216 14.67 -1.92 -24.13
C LEU B 216 15.17 -2.74 -25.30
N ALA B 217 14.30 -2.85 -26.30
CA ALA B 217 14.60 -3.57 -27.54
C ALA B 217 15.57 -2.80 -28.39
N GLU B 218 16.25 -3.51 -29.28
CA GLU B 218 17.10 -2.93 -30.31
C GLU B 218 18.51 -2.59 -29.88
N GLY B 219 18.96 -3.29 -28.87
CA GLY B 219 20.32 -3.14 -28.39
C GLY B 219 20.77 -1.72 -28.26
N GLU B 220 21.80 -1.34 -29.00
CA GLU B 220 22.40 0.00 -28.90
C GLU B 220 21.47 1.15 -29.26
N PHE B 221 20.36 0.83 -29.92
CA PHE B 221 19.42 1.88 -30.38
C PHE B 221 18.22 2.08 -29.45
N GLY B 222 18.14 1.28 -28.41
CA GLY B 222 16.98 1.32 -27.49
C GLY B 222 16.58 2.67 -26.86
N ALA B 224 17.54 5.69 -27.97
CA ALA B 224 17.21 6.64 -29.00
C ALA B 224 15.76 6.40 -29.41
N ASN B 225 15.39 5.14 -29.49
CA ASN B 225 14.01 4.76 -29.88
C ASN B 225 13.00 5.15 -28.83
N TRP B 226 13.38 4.94 -27.58
CA TRP B 226 12.55 5.31 -26.47
C TRP B 226 12.25 6.81 -26.45
N ILE B 227 13.29 7.60 -26.66
CA ILE B 227 13.11 9.05 -26.64
C ILE B 227 12.19 9.53 -27.76
N GLN B 228 12.37 8.94 -28.93
CA GLN B 228 11.61 9.37 -30.10
C GLN B 228 10.19 8.89 -29.95
N PHE B 230 8.51 8.06 -26.91
CA PHE B 230 7.74 8.48 -25.76
C PHE B 230 7.94 9.88 -25.29
N ALA B 231 9.06 10.46 -25.68
CA ALA B 231 9.44 11.76 -25.17
C ALA B 231 9.30 12.87 -26.18
N SER B 232 8.53 12.64 -27.22
CA SER B 232 8.30 13.68 -28.24
C SER B 232 7.86 15.02 -27.65
N ALA B 233 7.06 14.93 -26.63
CA ALA B 233 6.46 16.14 -26.03
C ALA B 233 7.55 17.14 -25.61
N PHE B 234 8.75 16.64 -25.33
CA PHE B 234 9.83 17.53 -24.85
C PHE B 234 10.68 18.10 -25.95
N LEU B 235 10.41 17.63 -27.14
CA LEU B 235 11.24 17.93 -28.29
C LEU B 235 10.68 18.99 -29.21
N VAL B 236 9.51 19.50 -28.84
CA VAL B 236 8.79 20.47 -29.67
C VAL B 236 9.59 21.66 -30.07
N GLY B 237 10.54 22.01 -29.23
CA GLY B 237 11.31 23.24 -29.45
C GLY B 237 12.66 23.08 -30.12
N LEU B 238 12.89 21.89 -30.62
CA LEU B 238 14.14 21.56 -31.24
C LEU B 238 14.05 21.19 -32.71
N THR B 239 15.06 21.63 -33.44
CA THR B 239 15.14 21.25 -34.84
C THR B 239 15.48 19.75 -34.91
N PRO B 240 15.29 19.16 -36.09
CA PRO B 240 15.65 17.75 -36.26
C PRO B 240 17.10 17.48 -35.93
N ASP B 241 18.02 18.31 -36.39
CA ASP B 241 19.43 18.06 -36.09
C ASP B 241 19.70 18.19 -34.59
N GLN B 242 18.98 19.11 -33.95
CA GLN B 242 19.13 19.33 -32.49
C GLN B 242 18.61 18.17 -31.72
N GLN B 243 17.62 17.50 -32.29
CA GLN B 243 17.06 16.34 -31.66
C GLN B 243 18.09 15.20 -31.64
N VAL B 244 18.86 15.10 -32.70
CA VAL B 244 19.91 14.08 -32.73
C VAL B 244 20.93 14.40 -31.63
N GLN B 245 21.28 15.67 -31.51
CA GLN B 245 22.28 16.15 -30.52
C GLN B 245 21.80 15.82 -29.13
N LEU B 246 20.50 15.99 -28.93
CA LEU B 246 19.89 15.73 -27.64
C LEU B 246 19.96 14.26 -27.25
N ILE B 247 19.62 13.40 -28.19
CA ILE B 247 19.59 11.97 -27.93
C ILE B 247 21.02 11.55 -27.59
N ARG B 248 21.99 12.13 -28.31
CA ARG B 248 23.41 11.76 -28.11
C ARG B 248 23.89 12.20 -26.74
N LYS B 249 23.38 13.33 -26.28
CA LYS B 249 23.73 13.86 -24.95
C LYS B 249 23.18 13.00 -23.85
N VAL B 250 21.94 12.59 -24.03
CA VAL B 250 21.26 11.75 -23.06
C VAL B 250 21.88 10.39 -22.97
N GLU B 251 22.23 9.84 -24.12
CA GLU B 251 22.87 8.56 -24.14
C GLU B 251 24.27 8.68 -23.44
N ALA B 252 24.97 9.76 -23.72
CA ALA B 252 26.32 9.97 -23.14
C ALA B 252 26.23 9.99 -21.62
N THR B 253 25.24 10.72 -21.11
CA THR B 253 25.02 10.86 -19.67
CA THR B 253 25.13 10.84 -19.68
C THR B 253 24.56 9.61 -18.99
N LEU B 254 23.81 8.80 -19.73
CA LEU B 254 23.17 7.65 -19.13
C LEU B 254 23.88 6.29 -19.25
N GLN B 255 24.89 6.27 -20.08
CA GLN B 255 25.54 5.05 -20.49
C GLN B 255 26.10 4.26 -19.32
N ASP B 256 26.83 4.94 -18.47
CA ASP B 256 27.45 4.26 -17.33
C ASP B 256 26.48 3.50 -16.51
N LYS B 257 25.35 4.14 -16.31
CA LYS B 257 24.36 3.57 -15.42
C LYS B 257 23.39 2.60 -16.07
N LEU B 258 22.99 2.86 -17.31
CA LEU B 258 21.89 2.11 -17.91
C LEU B 258 22.19 1.30 -19.13
N TYR B 259 23.44 1.32 -19.58
CA TYR B 259 23.84 0.55 -20.77
C TYR B 259 24.76 -0.57 -20.34
N HIS B 260 24.31 -1.79 -20.58
CA HIS B 260 25.09 -2.98 -20.22
C HIS B 260 24.88 -4.08 -21.22
N GLN B 261 25.97 -4.73 -21.61
CA GLN B 261 25.90 -5.87 -22.53
C GLN B 261 25.07 -5.57 -23.79
N GLU B 262 25.32 -4.39 -24.33
CA GLU B 262 24.79 -3.91 -25.61
C GLU B 262 23.30 -3.69 -25.59
N SER B 263 22.79 -3.43 -24.39
CA SER B 263 21.38 -3.09 -24.16
C SER B 263 21.20 -1.99 -23.13
N TRP B 264 20.11 -1.25 -23.32
CA TRP B 264 19.70 -0.18 -22.43
C TRP B 264 18.61 -0.65 -21.49
N THR B 265 18.68 -0.16 -20.28
CA THR B 265 17.66 -0.40 -19.28
C THR B 265 16.91 0.89 -18.95
N ALA B 266 15.58 0.82 -18.95
CA ALA B 266 14.74 1.93 -18.47
C ALA B 266 14.42 1.64 -16.98
N ASP B 267 14.65 2.65 -16.15
CA ASP B 267 14.47 2.58 -14.71
C ASP B 267 13.03 2.87 -14.36
N TYR B 268 12.16 1.97 -14.81
CA TYR B 268 10.72 2.06 -14.51
C TYR B 268 10.39 1.76 -13.04
N ARG B 269 9.37 2.47 -12.57
CA ARG B 269 8.81 2.31 -11.23
C ARG B 269 7.31 2.36 -11.36
N ARG B 270 6.60 1.43 -10.75
CA ARG B 270 5.15 1.39 -10.92
C ARG B 270 4.41 1.37 -9.64
N ILE B 271 3.24 1.96 -9.73
CA ILE B 271 2.28 1.96 -8.64
C ILE B 271 1.16 0.99 -9.02
N ARG B 272 0.76 0.21 -8.03
CA ARG B 272 -0.27 -0.81 -8.18
C ARG B 272 -1.29 -0.64 -7.07
N ILE B 273 -2.57 -0.67 -7.42
CA ILE B 273 -3.63 -0.51 -6.40
C ILE B 273 -4.77 -1.47 -6.63
N VAL B 274 -5.34 -1.85 -5.50
CA VAL B 274 -6.56 -2.64 -5.44
C VAL B 274 -7.55 -1.87 -4.55
N SER B 275 -8.72 -1.57 -5.10
CA SER B 275 -9.72 -0.81 -4.37
C SER B 275 -11.12 -1.30 -4.68
N ILE B 276 -12.01 -0.97 -3.76
CA ILE B 276 -13.41 -1.33 -3.90
C ILE B 276 -14.31 -0.13 -3.64
N LYS B 277 -15.39 -0.08 -4.41
CA LYS B 277 -16.39 0.97 -4.24
C LYS B 277 -17.25 0.49 -3.09
N ALA B 278 -17.37 1.33 -2.08
CA ALA B 278 -18.15 0.98 -0.88
C ALA B 278 -19.56 0.45 -1.15
N GLN B 279 -20.10 -0.16 -0.11
CA GLN B 279 -21.43 -0.78 -0.17
C GLN B 279 -22.00 -1.20 1.21
#